data_6QRE
#
_entry.id   6QRE
#
_cell.length_a   73.700
_cell.length_b   79.200
_cell.length_c   84.918
_cell.angle_alpha   90.000
_cell.angle_beta   90.000
_cell.angle_gamma   90.000
#
_symmetry.space_group_name_H-M   'P 21 21 21'
#
loop_
_entity.id
_entity.type
_entity.pdbx_description
1 polymer 'tRNA (guanine-N(1)-)-methyltransferase'
2 non-polymer '(3-methoxyphenyl)methyl 1~{H}-pyrazole-4-carboxylate'
3 water water
#
_entity_poly.entity_id   1
_entity_poly.type   'polypeptide(L)'
_entity_poly.pdbx_seq_one_letter_code
;GSMKIDVVTIFPEYLQPVRQSLPGKAIDAGLVDVAVHDLRRWTHDVHKSVDDSPYGGGPGMVMKPTVWGDALDEICTSET
LLVVPTPAGYPFTQETAWQWSTEDHLVIACGRYEGIDQRVADDAATRMRVREVSIGDYVLNGGEAAALVIIEAVLRLVPG
VLGNALSAQEDSHSEGMASLLEGPSYTRPPSWRGMDVPPVLLSGDHAKIAAWRAEQSRQRTIERRPDLLGFDSPTGEHGG
DGLS
;
_entity_poly.pdbx_strand_id   A,B
#
# COMPACT_ATOMS: atom_id res chain seq x y z
N SER A 2 7.90 -22.91 -0.34
CA SER A 2 8.71 -22.53 0.82
C SER A 2 9.34 -21.16 0.60
N MET A 3 9.01 -20.20 1.46
CA MET A 3 9.55 -18.86 1.35
C MET A 3 9.89 -18.25 2.70
N LYS A 4 11.05 -17.60 2.79
CA LYS A 4 11.42 -16.86 3.98
C LYS A 4 11.35 -15.37 3.66
N ILE A 5 10.70 -14.61 4.53
CA ILE A 5 10.68 -13.16 4.38
C ILE A 5 11.29 -12.53 5.62
N ASP A 6 12.35 -11.76 5.44
CA ASP A 6 12.90 -10.96 6.54
C ASP A 6 12.58 -9.50 6.31
N VAL A 7 12.06 -8.85 7.34
CA VAL A 7 11.77 -7.42 7.26
C VAL A 7 12.66 -6.65 8.22
N VAL A 8 13.34 -5.62 7.72
CA VAL A 8 14.20 -4.83 8.58
C VAL A 8 13.59 -3.47 8.72
N THR A 9 13.41 -3.03 9.96
CA THR A 9 12.67 -1.80 10.19
C THR A 9 13.02 -1.23 11.56
N ILE A 10 12.85 0.08 11.74
CA ILE A 10 13.02 0.67 13.07
C ILE A 10 11.70 0.63 13.82
N PHE A 11 10.67 0.09 13.18
CA PHE A 11 9.37 -0.12 13.83
C PHE A 11 8.89 -1.56 13.73
N PRO A 12 9.61 -2.51 14.34
CA PRO A 12 9.28 -3.93 14.16
C PRO A 12 7.88 -4.31 14.62
N GLU A 13 7.31 -3.56 15.56
CA GLU A 13 5.99 -3.85 16.06
C GLU A 13 4.93 -3.68 14.95
N TYR A 14 5.22 -2.76 14.01
CA TYR A 14 4.33 -2.49 12.89
C TYR A 14 4.00 -3.75 12.08
N LEU A 15 4.96 -4.66 12.00
CA LEU A 15 4.85 -5.86 11.19
C LEU A 15 4.20 -7.04 11.92
N GLN A 16 3.98 -6.91 13.23
CA GLN A 16 3.38 -7.98 14.03
C GLN A 16 2.01 -8.50 13.54
N PRO A 17 1.16 -7.64 12.93
CA PRO A 17 -0.09 -8.17 12.37
C PRO A 17 0.08 -9.20 11.23
N VAL A 18 1.02 -8.99 10.32
CA VAL A 18 1.20 -9.96 9.24
C VAL A 18 1.93 -11.21 9.72
N ARG A 19 2.63 -11.11 10.86
CA ARG A 19 3.21 -12.29 11.48
C ARG A 19 2.09 -13.26 11.87
N GLN A 20 1.09 -12.74 12.57
CA GLN A 20 -0.03 -13.54 13.06
C GLN A 20 -1.11 -13.80 12.01
N SER A 21 -1.06 -13.04 10.91
CA SER A 21 -1.97 -13.24 9.79
C SER A 21 -1.72 -14.57 9.08
N LEU A 22 -0.59 -15.20 9.40
CA LEU A 22 -0.20 -16.46 8.77
C LEU A 22 -1.00 -17.63 9.32
N PRO A 23 -1.54 -18.45 8.41
CA PRO A 23 -2.16 -19.71 8.83
C PRO A 23 -1.18 -20.59 9.59
N GLY A 24 -1.66 -21.26 10.63
CA GLY A 24 -0.81 -22.14 11.42
C GLY A 24 -0.34 -23.33 10.60
N LYS A 25 -1.15 -23.72 9.62
CA LYS A 25 -0.84 -24.84 8.75
C LYS A 25 0.14 -24.45 7.64
N ALA A 26 0.41 -23.16 7.52
CA ALA A 26 1.35 -22.67 6.51
C ALA A 26 2.78 -22.64 7.05
N ILE A 27 2.95 -22.12 8.26
CA ILE A 27 4.27 -21.98 8.86
C ILE A 27 4.77 -23.34 9.36
N ASP A 28 3.83 -24.20 9.75
CA ASP A 28 4.18 -25.53 10.24
C ASP A 28 4.66 -26.41 9.09
N ALA A 29 4.23 -26.09 7.88
CA ALA A 29 4.60 -26.83 6.68
C ALA A 29 5.88 -26.30 6.04
N GLY A 30 6.47 -25.27 6.64
CA GLY A 30 7.68 -24.66 6.11
C GLY A 30 7.49 -23.96 4.78
N LEU A 31 6.24 -23.64 4.47
CA LEU A 31 5.94 -22.94 3.23
C LEU A 31 6.21 -21.45 3.39
N VAL A 32 6.22 -20.98 4.65
CA VAL A 32 6.45 -19.57 4.94
C VAL A 32 6.91 -19.29 6.37
N ASP A 33 7.90 -18.42 6.49
CA ASP A 33 8.27 -17.84 7.77
C ASP A 33 8.61 -16.38 7.54
N VAL A 34 7.93 -15.50 8.27
CA VAL A 34 8.20 -14.07 8.20
C VAL A 34 8.86 -13.62 9.48
N ALA A 35 10.08 -13.09 9.36
CA ALA A 35 10.82 -12.59 10.51
C ALA A 35 11.03 -11.08 10.43
N VAL A 36 10.81 -10.41 11.54
CA VAL A 36 11.00 -8.97 11.63
C VAL A 36 12.24 -8.64 12.46
N HIS A 37 13.06 -7.69 12.01
CA HIS A 37 14.28 -7.33 12.73
C HIS A 37 14.34 -5.84 12.99
N ASP A 38 14.70 -5.48 14.22
CA ASP A 38 14.89 -4.08 14.55
C ASP A 38 16.21 -3.58 13.97
N LEU A 39 16.14 -2.56 13.12
CA LEU A 39 17.34 -2.02 12.48
C LEU A 39 18.37 -1.55 13.51
N ARG A 40 17.91 -1.15 14.69
CA ARG A 40 18.84 -0.58 15.68
C ARG A 40 19.79 -1.62 16.26
N ARG A 41 19.48 -2.89 16.03
CA ARG A 41 20.35 -3.99 16.41
C ARG A 41 21.72 -3.80 15.81
N TRP A 42 21.76 -3.18 14.63
CA TRP A 42 23.01 -3.01 13.91
C TRP A 42 23.61 -1.60 14.03
N THR A 43 23.11 -0.79 14.95
CA THR A 43 23.70 0.55 15.13
C THR A 43 25.00 0.46 15.94
N HIS A 44 25.82 1.50 15.83
CA HIS A 44 27.17 1.44 16.35
C HIS A 44 27.39 2.28 17.59
N ASP A 45 26.51 3.22 17.84
CA ASP A 45 26.76 4.18 18.90
C ASP A 45 25.78 4.01 20.02
N VAL A 46 26.11 4.64 21.13
CA VAL A 46 25.31 4.57 22.32
C VAL A 46 23.93 5.17 22.06
N HIS A 47 23.86 6.11 21.11
CA HIS A 47 22.60 6.77 20.77
C HIS A 47 21.77 6.00 19.73
N LYS A 48 22.28 4.84 19.31
CA LYS A 48 21.60 3.99 18.33
C LYS A 48 21.11 4.80 17.11
N SER A 49 22.04 5.51 16.47
CA SER A 49 21.72 6.39 15.35
C SER A 49 21.48 5.57 14.10
N VAL A 50 20.43 5.91 13.35
CA VAL A 50 20.13 5.24 12.08
C VAL A 50 20.13 6.21 10.92
N ASP A 51 20.19 7.50 11.20
CA ASP A 51 20.22 8.47 10.10
C ASP A 51 21.15 9.64 10.39
N ASP A 52 21.37 10.47 9.38
CA ASP A 52 22.33 11.55 9.44
C ASP A 52 21.91 12.54 8.35
N SER A 53 22.50 13.72 8.37
CA SER A 53 22.11 14.77 7.44
C SER A 53 22.60 14.49 6.04
N PRO A 54 21.83 14.92 5.03
CA PRO A 54 22.20 14.56 3.65
C PRO A 54 23.39 15.35 3.14
N TYR A 55 24.30 14.69 2.43
CA TYR A 55 25.33 15.42 1.71
C TYR A 55 24.68 16.35 0.70
N GLY A 56 25.17 17.58 0.64
CA GLY A 56 24.64 18.56 -0.29
C GLY A 56 23.43 19.28 0.26
N GLY A 57 23.26 19.19 1.57
CA GLY A 57 22.23 19.93 2.27
C GLY A 57 20.81 19.55 1.96
N GLY A 58 19.89 20.38 2.44
CA GLY A 58 18.47 20.17 2.24
C GLY A 58 17.85 19.43 3.40
N PRO A 59 16.85 20.04 4.06
CA PRO A 59 16.07 19.42 5.13
C PRO A 59 15.73 17.96 4.83
N GLY A 60 15.69 17.14 5.87
CA GLY A 60 15.47 15.72 5.70
C GLY A 60 16.67 14.93 6.22
N MET A 61 16.47 13.64 6.44
CA MET A 61 17.54 12.81 7.00
C MET A 61 17.71 11.60 6.11
N VAL A 62 18.93 11.09 5.99
CA VAL A 62 19.24 9.95 5.12
C VAL A 62 19.71 8.81 6.01
N MET A 63 19.24 7.59 5.78
CA MET A 63 19.63 6.51 6.68
C MET A 63 21.06 6.10 6.40
N LYS A 64 21.79 5.78 7.48
CA LYS A 64 23.22 5.51 7.41
C LYS A 64 23.58 4.24 6.67
N PRO A 65 24.55 4.32 5.75
CA PRO A 65 24.96 3.12 5.03
C PRO A 65 25.69 2.10 5.93
N THR A 66 26.44 2.58 6.90
CA THR A 66 27.19 1.65 7.75
C THR A 66 26.26 0.73 8.52
N VAL A 67 25.17 1.29 9.02
CA VAL A 67 24.18 0.49 9.75
C VAL A 67 23.43 -0.48 8.82
N TRP A 68 22.97 0.03 7.69
CA TRP A 68 22.21 -0.82 6.77
C TRP A 68 23.10 -1.92 6.20
N GLY A 69 24.35 -1.57 5.90
CA GLY A 69 25.27 -2.54 5.33
C GLY A 69 25.51 -3.74 6.25
N ASP A 70 25.67 -3.45 7.54
CA ASP A 70 25.86 -4.50 8.54
C ASP A 70 24.64 -5.40 8.62
N ALA A 71 23.47 -4.76 8.66
CA ALA A 71 22.23 -5.50 8.77
C ALA A 71 22.04 -6.44 7.59
N LEU A 72 22.18 -5.89 6.38
CA LEU A 72 22.04 -6.71 5.17
C LEU A 72 23.14 -7.78 5.06
N ASP A 73 24.36 -7.45 5.46
CA ASP A 73 25.47 -8.42 5.52
C ASP A 73 25.08 -9.65 6.32
N GLU A 74 24.38 -9.45 7.43
CA GLU A 74 24.02 -10.56 8.30
C GLU A 74 22.79 -11.31 7.78
N ILE A 75 21.84 -10.59 7.19
CA ILE A 75 20.55 -11.20 6.85
C ILE A 75 20.50 -11.77 5.43
N CYS A 76 21.19 -11.12 4.50
CA CYS A 76 21.09 -11.51 3.09
C CYS A 76 22.03 -12.64 2.69
N THR A 77 21.58 -13.47 1.74
CA THR A 77 22.43 -14.47 1.12
C THR A 77 22.51 -14.15 -0.37
N SER A 78 23.37 -14.85 -1.10
CA SER A 78 23.49 -14.59 -2.52
C SER A 78 22.20 -14.90 -3.28
N GLU A 79 21.33 -15.72 -2.67
CA GLU A 79 20.05 -16.06 -3.28
C GLU A 79 18.95 -15.05 -2.94
N THR A 80 19.27 -14.08 -2.09
CA THR A 80 18.29 -13.15 -1.58
C THR A 80 17.78 -12.17 -2.64
N LEU A 81 16.47 -11.89 -2.60
CA LEU A 81 15.91 -10.79 -3.38
C LEU A 81 15.66 -9.60 -2.47
N LEU A 82 16.49 -8.57 -2.60
CA LEU A 82 16.40 -7.42 -1.73
C LEU A 82 15.39 -6.43 -2.28
N VAL A 83 14.28 -6.29 -1.56
CA VAL A 83 13.21 -5.38 -1.92
C VAL A 83 13.28 -4.12 -1.07
N VAL A 84 13.35 -2.96 -1.72
CA VAL A 84 13.41 -1.66 -1.05
C VAL A 84 12.24 -0.80 -1.46
N PRO A 85 11.21 -0.70 -0.60
CA PRO A 85 10.09 0.15 -1.00
C PRO A 85 10.49 1.62 -0.99
N THR A 86 10.11 2.35 -2.04
CA THR A 86 10.40 3.79 -2.11
C THR A 86 9.55 4.41 -3.21
N PRO A 87 9.08 5.63 -2.98
CA PRO A 87 8.26 6.32 -3.99
C PRO A 87 9.08 6.60 -5.25
N ALA A 88 10.39 6.42 -5.21
CA ALA A 88 11.25 6.62 -6.37
C ALA A 88 11.52 5.31 -7.12
N GLY A 89 10.78 4.27 -6.79
CA GLY A 89 11.11 2.94 -7.29
C GLY A 89 10.41 2.59 -8.59
N TYR A 90 10.77 1.46 -9.18
CA TYR A 90 10.00 0.90 -10.28
C TYR A 90 8.62 0.49 -9.76
N PRO A 91 7.57 0.54 -10.60
CA PRO A 91 6.23 0.15 -10.13
C PRO A 91 6.15 -1.29 -9.66
N PHE A 92 5.62 -1.49 -8.46
CA PHE A 92 5.25 -2.82 -8.00
C PHE A 92 3.82 -3.06 -8.45
N THR A 93 3.61 -4.08 -9.28
CA THR A 93 2.29 -4.39 -9.83
C THR A 93 1.97 -5.85 -9.61
N GLN A 94 0.79 -6.28 -10.06
CA GLN A 94 0.40 -7.67 -9.90
C GLN A 94 1.41 -8.64 -10.56
N GLU A 95 1.94 -8.23 -11.72
CA GLU A 95 2.95 -9.06 -12.37
C GLU A 95 4.17 -9.25 -11.46
N THR A 96 4.56 -8.20 -10.76
CA THR A 96 5.68 -8.30 -9.81
C THR A 96 5.36 -9.29 -8.69
N ALA A 97 4.14 -9.25 -8.18
CA ALA A 97 3.79 -10.10 -7.06
C ALA A 97 3.85 -11.56 -7.50
N TRP A 98 3.39 -11.80 -8.72
CA TRP A 98 3.45 -13.15 -9.29
C TRP A 98 4.88 -13.60 -9.39
N GLN A 99 5.73 -12.76 -9.97
CA GLN A 99 7.15 -13.09 -10.07
C GLN A 99 7.75 -13.39 -8.71
N TRP A 100 7.50 -12.53 -7.73
CA TRP A 100 8.17 -12.71 -6.45
C TRP A 100 7.60 -13.87 -5.65
N SER A 101 6.42 -14.35 -6.02
CA SER A 101 5.76 -15.42 -5.27
C SER A 101 6.52 -16.74 -5.28
N THR A 102 7.43 -16.90 -6.23
CA THR A 102 8.22 -18.12 -6.28
C THR A 102 9.65 -17.96 -5.77
N GLU A 103 9.94 -16.82 -5.15
CA GLU A 103 11.25 -16.59 -4.55
C GLU A 103 11.44 -17.38 -3.28
N ASP A 104 12.67 -17.83 -3.02
CA ASP A 104 12.95 -18.55 -1.78
C ASP A 104 13.16 -17.58 -0.60
N HIS A 105 13.76 -16.43 -0.88
CA HIS A 105 14.09 -15.50 0.20
C HIS A 105 13.94 -14.02 -0.19
N LEU A 106 13.00 -13.36 0.46
CA LEU A 106 12.82 -11.92 0.28
C LEU A 106 13.33 -11.22 1.52
N VAL A 107 14.13 -10.17 1.33
CA VAL A 107 14.46 -9.27 2.42
C VAL A 107 13.86 -7.91 2.07
N ILE A 108 13.02 -7.38 2.95
CA ILE A 108 12.42 -6.07 2.70
C ILE A 108 13.03 -5.05 3.64
N ALA A 109 13.74 -4.08 3.07
CA ALA A 109 14.36 -3.01 3.85
C ALA A 109 13.46 -1.79 3.93
N CYS A 110 12.91 -1.54 5.11
CA CYS A 110 12.04 -0.38 5.32
C CYS A 110 12.84 0.85 5.67
N GLY A 111 12.77 1.83 4.78
CA GLY A 111 13.49 3.07 4.94
C GLY A 111 12.56 4.16 5.44
N ARG A 112 13.15 5.26 5.87
CA ARG A 112 12.38 6.40 6.33
C ARG A 112 12.63 7.57 5.41
N TYR A 113 11.60 8.40 5.27
CA TYR A 113 11.59 9.51 4.34
C TYR A 113 12.90 10.27 4.20
N GLU A 114 13.14 10.66 2.94
CA GLU A 114 14.38 11.08 2.30
C GLU A 114 15.04 9.85 1.71
N GLY A 115 15.16 8.78 2.50
CA GLY A 115 15.59 7.50 1.96
C GLY A 115 16.84 6.94 2.59
N ILE A 116 17.37 5.89 1.95
CA ILE A 116 18.56 5.19 2.42
C ILE A 116 19.73 5.56 1.54
N ASP A 117 20.89 5.83 2.14
CA ASP A 117 22.10 6.08 1.37
C ASP A 117 22.19 5.13 0.19
N GLN A 118 22.39 5.67 -1.00
CA GLN A 118 22.28 4.90 -2.23
C GLN A 118 23.31 3.80 -2.33
N ARG A 119 24.42 3.94 -1.62
CA ARG A 119 25.49 2.97 -1.71
C ARG A 119 25.09 1.63 -1.15
N VAL A 120 24.11 1.63 -0.26
CA VAL A 120 23.63 0.38 0.32
C VAL A 120 23.10 -0.53 -0.77
N ALA A 121 22.18 -0.01 -1.58
CA ALA A 121 21.60 -0.78 -2.66
C ALA A 121 22.65 -1.08 -3.73
N ASP A 122 23.48 -0.09 -4.03
CA ASP A 122 24.52 -0.24 -5.04
C ASP A 122 25.48 -1.37 -4.64
N ASP A 123 25.90 -1.37 -3.39
CA ASP A 123 26.78 -2.43 -2.91
C ASP A 123 26.10 -3.81 -2.90
N ALA A 124 24.88 -3.87 -2.40
CA ALA A 124 24.17 -5.15 -2.34
C ALA A 124 24.00 -5.74 -3.74
N ALA A 125 23.77 -4.87 -4.71
CA ALA A 125 23.44 -5.33 -6.06
C ALA A 125 24.61 -6.05 -6.73
N THR A 126 25.80 -5.91 -6.17
CA THR A 126 26.98 -6.61 -6.70
C THR A 126 27.05 -8.06 -6.23
N ARG A 127 26.20 -8.47 -5.30
CA ARG A 127 26.20 -9.87 -4.91
C ARG A 127 24.80 -10.46 -4.70
N MET A 128 23.77 -9.65 -4.92
CA MET A 128 22.41 -10.16 -4.89
C MET A 128 21.55 -9.31 -5.82
N ARG A 129 20.31 -9.74 -6.02
CA ARG A 129 19.37 -9.02 -6.85
C ARG A 129 18.66 -8.00 -5.98
N VAL A 130 18.60 -6.76 -6.43
CA VAL A 130 17.99 -5.69 -5.66
C VAL A 130 16.87 -5.06 -6.47
N ARG A 131 15.74 -4.83 -5.83
CA ARG A 131 14.60 -4.20 -6.50
C ARG A 131 14.05 -3.04 -5.69
N GLU A 132 14.30 -1.82 -6.15
CA GLU A 132 13.63 -0.67 -5.57
C GLU A 132 12.27 -0.51 -6.21
N VAL A 133 11.21 -0.53 -5.41
CA VAL A 133 9.88 -0.50 -5.99
C VAL A 133 8.96 0.47 -5.26
N SER A 134 8.02 1.02 -6.01
CA SER A 134 6.99 1.88 -5.44
CA SER A 134 6.99 1.87 -5.43
C SER A 134 5.66 1.15 -5.50
N ILE A 135 4.89 1.20 -4.42
CA ILE A 135 3.57 0.59 -4.44
C ILE A 135 2.49 1.60 -4.88
N GLY A 136 2.90 2.85 -5.17
CA GLY A 136 1.93 3.88 -5.50
C GLY A 136 2.51 5.27 -5.44
N ASP A 137 1.90 6.18 -6.19
CA ASP A 137 2.42 7.54 -6.30
C ASP A 137 1.96 8.42 -5.15
N TYR A 138 2.52 8.16 -3.99
CA TYR A 138 2.27 8.98 -2.81
C TYR A 138 3.49 8.83 -1.91
N VAL A 139 3.60 9.67 -0.90
CA VAL A 139 4.73 9.58 0.04
C VAL A 139 4.23 9.11 1.39
N LEU A 140 4.92 8.11 1.96
CA LEU A 140 4.68 7.66 3.33
C LEU A 140 5.86 8.09 4.21
N ASN A 141 5.69 8.08 5.53
CA ASN A 141 6.82 8.43 6.42
C ASN A 141 7.84 7.32 6.51
N GLY A 142 7.40 6.09 6.27
CA GLY A 142 8.29 4.94 6.26
C GLY A 142 7.80 3.85 5.32
N GLY A 143 8.69 2.92 5.01
CA GLY A 143 8.36 1.81 4.12
C GLY A 143 7.50 0.72 4.73
N GLU A 144 7.24 0.80 6.04
CA GLU A 144 6.56 -0.29 6.73
C GLU A 144 5.18 -0.66 6.15
N ALA A 145 4.33 0.32 5.88
CA ALA A 145 3.02 0.02 5.31
C ALA A 145 3.17 -0.56 3.90
N ALA A 146 4.14 -0.07 3.16
CA ALA A 146 4.42 -0.64 1.83
C ALA A 146 4.86 -2.10 1.94
N ALA A 147 5.63 -2.43 2.98
CA ALA A 147 6.02 -3.80 3.19
C ALA A 147 4.81 -4.69 3.44
N LEU A 148 3.85 -4.22 4.24
CA LEU A 148 2.62 -4.97 4.47
C LEU A 148 1.89 -5.27 3.17
N VAL A 149 1.79 -4.26 2.32
CA VAL A 149 1.12 -4.41 1.05
C VAL A 149 1.81 -5.45 0.18
N ILE A 150 3.13 -5.31 0.08
CA ILE A 150 3.93 -6.21 -0.73
C ILE A 150 3.83 -7.64 -0.21
N ILE A 151 4.03 -7.80 1.09
CA ILE A 151 3.95 -9.12 1.72
C ILE A 151 2.60 -9.78 1.43
N GLU A 152 1.52 -9.01 1.58
CA GLU A 152 0.18 -9.55 1.36
C GLU A 152 -0.04 -9.92 -0.12
N ALA A 153 0.39 -9.04 -1.02
CA ALA A 153 0.14 -9.24 -2.44
C ALA A 153 0.93 -10.44 -2.99
N VAL A 154 2.10 -10.69 -2.39
CA VAL A 154 2.94 -11.83 -2.78
C VAL A 154 2.43 -13.10 -2.14
N LEU A 155 2.27 -13.10 -0.83
CA LEU A 155 1.95 -14.34 -0.12
C LEU A 155 0.59 -14.93 -0.51
N ARG A 156 -0.34 -14.08 -0.92
CA ARG A 156 -1.66 -14.59 -1.28
C ARG A 156 -1.57 -15.34 -2.61
N LEU A 157 -0.46 -15.19 -3.31
CA LEU A 157 -0.23 -15.92 -4.56
C LEU A 157 0.57 -17.19 -4.28
N VAL A 158 1.09 -17.30 -3.07
CA VAL A 158 1.79 -18.52 -2.68
C VAL A 158 0.72 -19.49 -2.22
N PRO A 159 0.60 -20.61 -2.93
CA PRO A 159 -0.46 -21.59 -2.65
C PRO A 159 -0.45 -22.05 -1.19
N GLY A 160 -1.56 -21.86 -0.48
CA GLY A 160 -1.67 -22.34 0.89
C GLY A 160 -1.34 -21.33 1.98
N VAL A 161 -0.85 -20.17 1.58
CA VAL A 161 -0.46 -19.14 2.52
C VAL A 161 -1.41 -17.94 2.50
N SER A 179 -5.71 -5.75 -17.29
CA SER A 179 -6.31 -5.33 -18.57
C SER A 179 -7.50 -4.39 -18.35
N LEU A 180 -8.56 -4.92 -17.73
CA LEU A 180 -9.74 -4.12 -17.40
C LEU A 180 -10.09 -4.22 -15.92
N LEU A 181 -10.84 -3.26 -15.41
CA LEU A 181 -11.29 -3.25 -14.02
C LEU A 181 -12.49 -4.19 -13.87
N GLU A 182 -12.65 -4.80 -12.70
CA GLU A 182 -13.82 -5.64 -12.46
C GLU A 182 -15.02 -4.75 -12.20
N GLY A 183 -16.18 -5.16 -12.70
CA GLY A 183 -17.41 -4.41 -12.50
C GLY A 183 -18.02 -4.70 -11.14
N PRO A 184 -19.21 -4.15 -10.87
CA PRO A 184 -19.84 -4.30 -9.55
C PRO A 184 -20.22 -5.74 -9.28
N SER A 185 -20.30 -6.09 -8.01
CA SER A 185 -20.75 -7.42 -7.57
CA SER A 185 -20.76 -7.42 -7.60
C SER A 185 -21.96 -7.28 -6.67
N TYR A 186 -22.81 -8.29 -6.63
CA TYR A 186 -24.00 -8.21 -5.80
C TYR A 186 -24.23 -9.53 -5.11
N THR A 187 -24.99 -9.51 -4.02
CA THR A 187 -25.41 -10.74 -3.39
C THR A 187 -26.76 -10.51 -2.72
N ARG A 188 -27.21 -11.44 -1.88
CA ARG A 188 -28.53 -11.35 -1.27
C ARG A 188 -28.62 -10.17 -0.29
N PRO A 189 -29.81 -9.54 -0.16
CA PRO A 189 -31.10 -9.85 -0.81
C PRO A 189 -31.20 -9.27 -2.23
N PRO A 190 -32.17 -9.75 -3.03
CA PRO A 190 -32.32 -9.21 -4.39
C PRO A 190 -32.77 -7.74 -4.41
N SER A 191 -33.39 -7.28 -3.33
CA SER A 191 -33.82 -5.90 -3.22
CA SER A 191 -33.83 -5.89 -3.23
C SER A 191 -33.41 -5.33 -1.87
N TRP A 192 -32.75 -4.17 -1.90
CA TRP A 192 -32.23 -3.58 -0.67
C TRP A 192 -32.19 -2.05 -0.75
N ARG A 193 -32.91 -1.41 0.17
CA ARG A 193 -33.04 0.04 0.23
C ARG A 193 -33.38 0.62 -1.14
N GLY A 194 -34.38 0.02 -1.78
CA GLY A 194 -34.88 0.53 -3.04
C GLY A 194 -34.03 0.20 -4.25
N MET A 195 -32.97 -0.59 -4.05
CA MET A 195 -32.10 -0.94 -5.16
C MET A 195 -32.13 -2.44 -5.45
N ASP A 196 -32.40 -2.79 -6.71
CA ASP A 196 -32.52 -4.18 -7.12
C ASP A 196 -31.22 -4.71 -7.70
N VAL A 197 -30.93 -5.98 -7.48
CA VAL A 197 -29.83 -6.61 -8.20
C VAL A 197 -30.19 -6.62 -9.68
N PRO A 198 -29.23 -6.25 -10.54
CA PRO A 198 -29.47 -6.32 -11.99
C PRO A 198 -30.08 -7.65 -12.40
N PRO A 199 -31.29 -7.62 -12.97
CA PRO A 199 -32.08 -8.82 -13.22
C PRO A 199 -31.35 -9.80 -14.14
N VAL A 200 -30.48 -9.30 -15.01
CA VAL A 200 -29.73 -10.20 -15.89
C VAL A 200 -28.95 -11.25 -15.08
N LEU A 201 -28.54 -10.88 -13.86
CA LEU A 201 -27.70 -11.77 -13.04
C LEU A 201 -28.51 -12.92 -12.48
N LEU A 202 -29.82 -12.79 -12.52
CA LEU A 202 -30.71 -13.83 -12.00
C LEU A 202 -31.35 -14.62 -13.15
N SER A 203 -30.93 -14.32 -14.38
CA SER A 203 -31.57 -14.82 -15.58
C SER A 203 -31.23 -16.26 -15.94
N GLY A 204 -30.10 -16.76 -15.44
CA GLY A 204 -29.68 -18.12 -15.79
C GLY A 204 -29.13 -18.22 -17.20
N ASP A 205 -28.97 -17.08 -17.87
CA ASP A 205 -28.34 -17.02 -19.18
C ASP A 205 -26.88 -16.63 -19.01
N HIS A 206 -26.01 -17.62 -18.87
CA HIS A 206 -24.65 -17.33 -18.45
C HIS A 206 -23.80 -16.68 -19.55
N ALA A 207 -24.13 -16.91 -20.81
CA ALA A 207 -23.44 -16.20 -21.88
C ALA A 207 -23.78 -14.71 -21.84
N LYS A 208 -25.05 -14.42 -21.59
CA LYS A 208 -25.51 -13.04 -21.51
C LYS A 208 -24.93 -12.32 -20.29
N ILE A 209 -24.89 -13.01 -19.15
CA ILE A 209 -24.27 -12.49 -17.94
C ILE A 209 -22.81 -12.10 -18.20
N ALA A 210 -22.07 -12.99 -18.84
CA ALA A 210 -20.67 -12.71 -19.21
C ALA A 210 -20.52 -11.43 -20.05
N ALA A 211 -21.37 -11.27 -21.07
CA ALA A 211 -21.29 -10.07 -21.90
C ALA A 211 -21.69 -8.82 -21.10
N TRP A 212 -22.68 -8.97 -20.23
CA TRP A 212 -23.10 -7.86 -19.39
C TRP A 212 -21.95 -7.41 -18.49
N ARG A 213 -21.29 -8.37 -17.87
CA ARG A 213 -20.17 -8.09 -16.99
C ARG A 213 -19.01 -7.46 -17.77
N ALA A 214 -18.80 -7.90 -19.01
CA ALA A 214 -17.71 -7.34 -19.81
C ALA A 214 -17.99 -5.86 -20.12
N GLU A 215 -19.23 -5.54 -20.44
CA GLU A 215 -19.56 -4.16 -20.73
C GLU A 215 -19.46 -3.31 -19.45
N GLN A 216 -19.84 -3.88 -18.32
CA GLN A 216 -19.76 -3.15 -17.05
C GLN A 216 -18.30 -2.80 -16.78
N SER A 217 -17.44 -3.77 -17.05
CA SER A 217 -15.99 -3.62 -16.87
CA SER A 217 -16.02 -3.58 -16.84
C SER A 217 -15.42 -2.54 -17.78
N ARG A 218 -15.85 -2.55 -19.04
CA ARG A 218 -15.39 -1.56 -20.00
C ARG A 218 -15.82 -0.17 -19.55
N GLN A 219 -17.08 -0.03 -19.16
CA GLN A 219 -17.59 1.28 -18.74
C GLN A 219 -16.87 1.79 -17.49
N ARG A 220 -16.67 0.92 -16.51
CA ARG A 220 -15.99 1.34 -15.28
C ARG A 220 -14.54 1.70 -15.57
N THR A 221 -13.91 0.96 -16.47
CA THR A 221 -12.52 1.24 -16.76
C THR A 221 -12.39 2.60 -17.46
N ILE A 222 -13.31 2.89 -18.38
CA ILE A 222 -13.29 4.18 -19.08
C ILE A 222 -13.45 5.34 -18.08
N GLU A 223 -14.39 5.18 -17.16
CA GLU A 223 -14.68 6.21 -16.17
C GLU A 223 -13.54 6.41 -15.18
N ARG A 224 -12.94 5.32 -14.72
CA ARG A 224 -12.00 5.40 -13.60
C ARG A 224 -10.53 5.31 -14.02
N ARG A 225 -10.25 4.56 -15.07
CA ARG A 225 -8.85 4.33 -15.47
C ARG A 225 -8.70 4.37 -16.97
N PRO A 226 -8.92 5.55 -17.59
CA PRO A 226 -8.83 5.62 -19.05
C PRO A 226 -7.40 5.32 -19.53
N ASP A 227 -6.45 5.37 -18.60
CA ASP A 227 -5.06 5.06 -18.91
C ASP A 227 -4.90 3.61 -19.38
N LEU A 228 -5.81 2.75 -18.94
CA LEU A 228 -5.72 1.33 -19.24
C LEU A 228 -6.27 0.97 -20.63
N LEU A 229 -6.66 1.99 -21.39
CA LEU A 229 -7.21 1.78 -22.75
C LEU A 229 -6.60 2.74 -23.77
N SER B 2 -7.18 18.95 13.18
CA SER B 2 -8.09 18.02 13.85
C SER B 2 -8.92 17.27 12.81
N MET B 3 -8.92 15.94 12.93
CA MET B 3 -9.61 15.08 11.97
C MET B 3 -9.98 13.78 12.66
N LYS B 4 -11.13 13.22 12.34
CA LYS B 4 -11.51 11.91 12.85
C LYS B 4 -11.44 10.88 11.72
N ILE B 5 -10.79 9.76 11.98
CA ILE B 5 -10.76 8.68 11.02
C ILE B 5 -11.38 7.46 11.68
N ASP B 6 -12.45 6.95 11.08
CA ASP B 6 -13.05 5.69 11.49
C ASP B 6 -12.71 4.63 10.46
N VAL B 7 -12.28 3.47 10.91
CA VAL B 7 -11.99 2.36 10.00
C VAL B 7 -12.93 1.22 10.34
N VAL B 8 -13.53 0.61 9.32
CA VAL B 8 -14.45 -0.49 9.56
C VAL B 8 -13.91 -1.74 8.90
N THR B 9 -13.80 -2.83 9.67
CA THR B 9 -13.12 -4.03 9.23
C THR B 9 -13.59 -5.28 9.99
N ILE B 10 -13.47 -6.45 9.38
CA ILE B 10 -13.73 -7.68 10.11
C ILE B 10 -12.44 -8.18 10.76
N PHE B 11 -11.35 -7.46 10.56
CA PHE B 11 -10.06 -7.76 11.20
C PHE B 11 -9.49 -6.57 11.93
N PRO B 12 -10.16 -6.12 13.00
CA PRO B 12 -9.67 -4.90 13.67
C PRO B 12 -8.26 -5.05 14.23
N GLU B 13 -7.86 -6.29 14.54
CA GLU B 13 -6.50 -6.56 15.03
C GLU B 13 -5.43 -6.04 14.06
N TYR B 14 -5.69 -6.20 12.76
CA TYR B 14 -4.73 -5.84 11.74
C TYR B 14 -4.47 -4.33 11.70
N LEU B 15 -5.32 -3.55 12.37
CA LEU B 15 -5.19 -2.10 12.35
C LEU B 15 -4.41 -1.57 13.57
N GLN B 16 -3.92 -2.47 14.42
CA GLN B 16 -3.02 -2.09 15.51
C GLN B 16 -1.76 -1.30 15.08
N PRO B 17 -1.23 -1.55 13.85
CA PRO B 17 -0.06 -0.75 13.44
C PRO B 17 -0.24 0.77 13.44
N VAL B 18 -1.47 1.29 13.47
CA VAL B 18 -1.66 2.74 13.58
C VAL B 18 -1.01 3.23 14.87
N ARG B 19 -0.95 2.39 15.89
CA ARG B 19 -0.37 2.76 17.17
C ARG B 19 1.15 2.86 17.05
N GLY B 24 4.77 4.44 15.08
CA GLY B 24 3.74 4.69 14.09
C GLY B 24 3.37 6.15 14.01
N LYS B 25 2.18 6.43 13.49
CA LYS B 25 1.65 7.79 13.40
C LYS B 25 0.87 8.11 14.67
N ALA B 26 1.58 8.06 15.80
CA ALA B 26 1.00 8.33 17.11
C ALA B 26 0.34 9.70 17.18
N ILE B 27 -1.00 9.68 17.16
CA ILE B 27 -1.83 10.88 17.23
C ILE B 27 -1.93 11.39 18.66
N ASP B 28 -0.86 11.21 19.42
CA ASP B 28 -0.79 11.63 20.81
C ASP B 28 -0.90 13.15 20.90
N ALA B 29 -0.52 13.80 19.81
CA ALA B 29 -0.63 15.25 19.72
C ALA B 29 -2.07 15.72 19.61
N GLY B 30 -3.00 14.77 19.49
CA GLY B 30 -4.42 15.08 19.42
C GLY B 30 -4.84 15.80 18.16
N LEU B 31 -4.07 15.64 17.09
CA LEU B 31 -4.39 16.26 15.81
C LEU B 31 -5.34 15.38 15.00
N VAL B 32 -5.52 14.13 15.46
CA VAL B 32 -6.46 13.21 14.84
C VAL B 32 -6.85 12.12 15.83
N ASP B 33 -8.10 11.67 15.77
CA ASP B 33 -8.54 10.51 16.52
C ASP B 33 -8.82 9.37 15.54
N VAL B 34 -8.17 8.24 15.72
CA VAL B 34 -8.40 7.09 14.84
C VAL B 34 -9.15 6.01 15.60
N ALA B 35 -10.33 5.65 15.09
CA ALA B 35 -11.16 4.64 15.72
C ALA B 35 -11.35 3.45 14.79
N VAL B 36 -11.24 2.25 15.33
CA VAL B 36 -11.39 1.03 14.54
C VAL B 36 -12.57 0.20 15.03
N HIS B 37 -13.48 -0.14 14.12
CA HIS B 37 -14.72 -0.84 14.47
C HIS B 37 -14.81 -2.21 13.83
N ASP B 38 -15.24 -3.20 14.62
CA ASP B 38 -15.47 -4.55 14.15
C ASP B 38 -16.82 -4.61 13.46
N LEU B 39 -16.82 -4.90 12.17
CA LEU B 39 -18.04 -4.94 11.37
C LEU B 39 -19.08 -5.94 11.90
N ARG B 40 -18.60 -7.02 12.51
CA ARG B 40 -19.48 -8.05 13.03
C ARG B 40 -20.36 -7.54 14.16
N ARG B 41 -19.96 -6.41 14.75
CA ARG B 41 -20.74 -5.74 15.78
C ARG B 41 -22.15 -5.34 15.28
N TRP B 42 -22.31 -5.14 13.98
CA TRP B 42 -23.63 -4.79 13.45
C TRP B 42 -24.41 -5.97 12.87
N THR B 43 -23.99 -7.19 13.16
CA THR B 43 -24.72 -8.37 12.67
C THR B 43 -25.79 -8.81 13.66
N HIS B 44 -26.71 -9.64 13.19
CA HIS B 44 -27.79 -10.18 14.03
C HIS B 44 -27.83 -11.70 13.97
N ASP B 45 -27.14 -12.28 12.99
CA ASP B 45 -27.11 -13.73 12.81
C ASP B 45 -26.47 -14.41 14.02
N VAL B 46 -26.58 -15.73 14.06
CA VAL B 46 -25.97 -16.52 15.12
C VAL B 46 -24.47 -16.67 14.88
N HIS B 47 -24.13 -17.01 13.63
CA HIS B 47 -22.73 -17.16 13.23
C HIS B 47 -22.17 -15.84 12.68
N LYS B 48 -22.97 -14.77 12.80
CA LYS B 48 -22.56 -13.42 12.43
C LYS B 48 -22.00 -13.34 11.01
N SER B 49 -22.78 -13.77 10.03
CA SER B 49 -22.28 -13.84 8.67
C SER B 49 -22.21 -12.46 8.03
N VAL B 50 -21.09 -12.18 7.36
CA VAL B 50 -20.94 -10.91 6.68
C VAL B 50 -20.89 -11.07 5.16
N ASP B 51 -20.84 -12.30 4.66
CA ASP B 51 -20.67 -12.50 3.22
C ASP B 51 -21.60 -13.58 2.65
N ASP B 52 -21.63 -13.69 1.33
CA ASP B 52 -22.50 -14.64 0.65
C ASP B 52 -22.02 -14.82 -0.78
N SER B 53 -22.55 -15.81 -1.47
CA SER B 53 -22.15 -16.10 -2.84
C SER B 53 -22.68 -15.02 -3.77
N PRO B 54 -21.93 -14.72 -4.85
CA PRO B 54 -22.31 -13.64 -5.78
C PRO B 54 -23.48 -13.99 -6.68
N TYR B 55 -24.40 -13.04 -6.87
CA TYR B 55 -25.44 -13.21 -7.88
C TYR B 55 -24.77 -13.30 -9.25
N GLY B 56 -25.24 -14.21 -10.09
CA GLY B 56 -24.69 -14.33 -11.43
C GLY B 56 -23.50 -15.27 -11.51
N GLY B 57 -23.05 -15.76 -10.35
CA GLY B 57 -21.96 -16.72 -10.32
C GLY B 57 -20.61 -16.05 -10.22
N GLY B 58 -19.57 -16.86 -10.10
CA GLY B 58 -18.23 -16.33 -10.03
C GLY B 58 -17.51 -16.90 -8.85
N PRO B 59 -16.25 -16.49 -8.65
CA PRO B 59 -15.42 -17.00 -7.56
C PRO B 59 -15.66 -16.25 -6.25
N GLY B 60 -15.46 -16.94 -5.14
CA GLY B 60 -15.42 -16.28 -3.85
C GLY B 60 -16.75 -15.73 -3.37
N MET B 61 -16.68 -14.84 -2.39
CA MET B 61 -17.88 -14.37 -1.75
C MET B 61 -17.94 -12.86 -1.84
N VAL B 62 -19.14 -12.32 -1.67
CA VAL B 62 -19.38 -10.89 -1.68
C VAL B 62 -19.89 -10.48 -0.30
N MET B 63 -19.35 -9.41 0.25
CA MET B 63 -19.85 -8.93 1.53
C MET B 63 -21.28 -8.41 1.42
N LYS B 64 -22.12 -8.84 2.36
CA LYS B 64 -23.55 -8.53 2.36
C LYS B 64 -23.79 -7.05 2.55
N PRO B 65 -24.80 -6.52 1.86
CA PRO B 65 -25.06 -5.08 1.99
C PRO B 65 -25.74 -4.69 3.30
N THR B 66 -26.52 -5.59 3.87
CA THR B 66 -27.30 -5.28 5.08
C THR B 66 -26.41 -4.93 6.27
N VAL B 67 -25.40 -5.74 6.52
CA VAL B 67 -24.47 -5.48 7.60
C VAL B 67 -23.75 -4.13 7.43
N TRP B 68 -23.24 -3.89 6.23
CA TRP B 68 -22.51 -2.67 5.95
C TRP B 68 -23.39 -1.44 6.07
N GLY B 69 -24.61 -1.54 5.56
CA GLY B 69 -25.56 -0.44 5.68
C GLY B 69 -25.80 -0.03 7.12
N ASP B 70 -26.01 -1.01 7.99
CA ASP B 70 -26.21 -0.71 9.41
C ASP B 70 -24.99 0.00 9.98
N ALA B 71 -23.81 -0.54 9.68
CA ALA B 71 -22.58 0.02 10.24
C ALA B 71 -22.35 1.47 9.78
N LEU B 72 -22.57 1.72 8.50
CA LEU B 72 -22.34 3.05 7.93
C LEU B 72 -23.38 4.05 8.41
N ASP B 73 -24.60 3.58 8.60
CA ASP B 73 -25.65 4.41 9.18
C ASP B 73 -25.23 5.01 10.53
N GLU B 74 -24.66 4.17 11.40
CA GLU B 74 -24.30 4.62 12.75
C GLU B 74 -23.05 5.49 12.75
N ILE B 75 -22.11 5.20 11.86
CA ILE B 75 -20.81 5.83 11.88
C ILE B 75 -20.69 7.08 10.99
N CYS B 76 -21.39 7.10 9.87
CA CYS B 76 -21.27 8.24 8.94
C CYS B 76 -22.32 9.34 9.16
N THR B 77 -21.94 10.56 8.78
CA THR B 77 -22.92 11.64 8.62
C THR B 77 -22.89 12.14 7.18
N SER B 78 -23.69 13.15 6.87
CA SER B 78 -23.71 13.72 5.53
C SER B 78 -22.39 14.39 5.16
N GLU B 79 -21.59 14.75 6.16
CA GLU B 79 -20.31 15.43 5.97
C GLU B 79 -19.13 14.46 5.81
N THR B 80 -19.38 13.19 6.07
CA THR B 80 -18.33 12.17 5.99
C THR B 80 -17.81 11.96 4.57
N LEU B 81 -16.48 11.76 4.45
CA LEU B 81 -15.92 11.23 3.21
C LEU B 81 -15.75 9.73 3.37
N LEU B 82 -16.57 8.96 2.64
CA LEU B 82 -16.53 7.52 2.72
C LEU B 82 -15.50 6.99 1.75
N VAL B 83 -14.47 6.35 2.30
CA VAL B 83 -13.36 5.83 1.49
C VAL B 83 -13.43 4.32 1.40
N VAL B 84 -13.43 3.80 0.18
CA VAL B 84 -13.52 2.35 -0.01
C VAL B 84 -12.33 1.89 -0.84
N PRO B 85 -11.29 1.35 -0.18
CA PRO B 85 -10.20 0.82 -0.98
C PRO B 85 -10.66 -0.35 -1.85
N THR B 86 -10.23 -0.36 -3.11
CA THR B 86 -10.55 -1.45 -4.03
C THR B 86 -9.66 -1.38 -5.25
N PRO B 87 -9.22 -2.53 -5.78
CA PRO B 87 -8.37 -2.44 -6.97
C PRO B 87 -9.13 -1.87 -8.20
N ALA B 88 -10.45 -1.79 -8.09
CA ALA B 88 -11.28 -1.21 -9.17
C ALA B 88 -11.59 0.27 -8.95
N GLY B 89 -10.87 0.92 -8.02
CA GLY B 89 -11.19 2.31 -7.68
C GLY B 89 -10.48 3.32 -8.57
N TYR B 90 -10.89 4.59 -8.48
CA TYR B 90 -10.08 5.68 -9.02
C TYR B 90 -8.72 5.70 -8.30
N PRO B 91 -7.64 6.12 -8.99
CA PRO B 91 -6.31 6.10 -8.36
C PRO B 91 -6.18 7.02 -7.15
N PHE B 92 -5.67 6.48 -6.04
CA PHE B 92 -5.28 7.29 -4.90
C PHE B 92 -3.84 7.76 -5.11
N THR B 93 -3.64 9.06 -5.25
CA THR B 93 -2.30 9.58 -5.47
C THR B 93 -1.95 10.66 -4.44
N GLN B 94 -0.77 11.24 -4.56
CA GLN B 94 -0.36 12.31 -3.65
C GLN B 94 -1.35 13.47 -3.68
N GLU B 95 -1.88 13.77 -4.87
CA GLU B 95 -2.87 14.83 -5.00
C GLU B 95 -4.10 14.51 -4.16
N THR B 96 -4.54 13.25 -4.19
CA THR B 96 -5.66 12.83 -3.36
C THR B 96 -5.32 13.00 -1.87
N ALA B 97 -4.07 12.70 -1.50
CA ALA B 97 -3.68 12.78 -0.10
C ALA B 97 -3.83 14.21 0.39
N TRP B 98 -3.32 15.14 -0.40
CA TRP B 98 -3.42 16.56 -0.07
C TRP B 98 -4.88 16.97 0.08
N GLN B 99 -5.71 16.50 -0.85
CA GLN B 99 -7.13 16.86 -0.82
C GLN B 99 -7.78 16.34 0.47
N TRP B 100 -7.52 15.08 0.79
CA TRP B 100 -8.14 14.50 1.98
C TRP B 100 -7.53 14.98 3.29
N SER B 101 -6.39 15.65 3.23
CA SER B 101 -5.73 16.12 4.45
C SER B 101 -6.52 17.23 5.10
N THR B 102 -7.43 17.83 4.34
CA THR B 102 -8.23 18.95 4.85
C THR B 102 -9.63 18.52 5.27
N GLU B 103 -9.90 17.21 5.26
CA GLU B 103 -11.21 16.69 5.63
C GLU B 103 -11.43 16.59 7.15
N ASP B 104 -12.66 16.86 7.57
CA ASP B 104 -13.09 16.66 8.95
C ASP B 104 -13.22 15.19 9.34
N HIS B 105 -13.80 14.39 8.45
CA HIS B 105 -14.16 13.02 8.81
C HIS B 105 -14.00 12.04 7.67
N LEU B 106 -13.07 11.11 7.80
CA LEU B 106 -12.94 10.01 6.85
C LEU B 106 -13.49 8.74 7.49
N VAL B 107 -14.25 7.98 6.73
CA VAL B 107 -14.56 6.63 7.15
C VAL B 107 -14.03 5.67 6.10
N ILE B 108 -13.23 4.71 6.54
CA ILE B 108 -12.61 3.78 5.60
C ILE B 108 -13.22 2.39 5.76
N ALA B 109 -13.90 1.95 4.71
CA ALA B 109 -14.56 0.66 4.67
C ALA B 109 -13.63 -0.40 4.09
N CYS B 110 -13.15 -1.32 4.93
CA CYS B 110 -12.26 -2.34 4.43
C CYS B 110 -13.06 -3.55 3.96
N GLY B 111 -12.89 -3.91 2.70
CA GLY B 111 -13.56 -5.06 2.15
C GLY B 111 -12.67 -6.28 2.22
N ARG B 112 -13.26 -7.44 1.97
CA ARG B 112 -12.54 -8.70 1.95
C ARG B 112 -13.12 -9.52 0.83
N TYR B 113 -12.60 -10.73 0.66
CA TYR B 113 -13.05 -11.64 -0.39
C TYR B 113 -13.03 -10.93 -1.73
N GLU B 114 -14.09 -11.15 -2.53
CA GLU B 114 -14.15 -10.60 -3.88
C GLU B 114 -14.74 -9.19 -3.94
N GLY B 115 -15.28 -8.71 -2.83
CA GLY B 115 -15.76 -7.34 -2.79
C GLY B 115 -16.95 -7.08 -1.90
N ILE B 116 -17.44 -5.85 -1.96
CA ILE B 116 -18.63 -5.41 -1.24
C ILE B 116 -19.76 -5.19 -2.25
N ASP B 117 -20.94 -5.71 -1.94
CA ASP B 117 -22.14 -5.46 -2.76
C ASP B 117 -22.20 -3.98 -3.16
N GLN B 118 -22.32 -3.70 -4.46
CA GLN B 118 -22.17 -2.32 -4.95
C GLN B 118 -23.21 -1.39 -4.38
N ARG B 119 -24.33 -1.96 -3.95
CA ARG B 119 -25.42 -1.14 -3.44
C ARG B 119 -25.00 -0.45 -2.14
N VAL B 120 -24.00 -0.97 -1.43
CA VAL B 120 -23.52 -0.28 -0.24
C VAL B 120 -23.02 1.13 -0.61
N ALA B 121 -22.13 1.20 -1.59
CA ALA B 121 -21.58 2.47 -2.02
C ALA B 121 -22.65 3.38 -2.64
N ASP B 122 -23.47 2.81 -3.53
CA ASP B 122 -24.53 3.56 -4.20
C ASP B 122 -25.47 4.19 -3.18
N ASP B 123 -25.92 3.39 -2.22
CA ASP B 123 -26.74 3.90 -1.13
C ASP B 123 -26.07 5.02 -0.36
N ALA B 124 -24.79 4.86 -0.05
CA ALA B 124 -24.11 5.86 0.77
C ALA B 124 -23.97 7.15 0.00
N ALA B 125 -23.77 7.04 -1.31
CA ALA B 125 -23.58 8.22 -2.16
C ALA B 125 -24.81 9.12 -2.22
N THR B 126 -25.95 8.63 -1.74
CA THR B 126 -27.15 9.48 -1.72
C THR B 126 -27.16 10.39 -0.51
N ARG B 127 -26.23 10.21 0.42
CA ARG B 127 -26.22 11.10 1.58
C ARG B 127 -24.84 11.66 1.93
N MET B 128 -23.78 11.05 1.42
CA MET B 128 -22.44 11.54 1.67
C MET B 128 -21.58 11.40 0.41
N ARG B 129 -20.42 12.03 0.39
CA ARG B 129 -19.45 11.80 -0.68
C ARG B 129 -18.76 10.44 -0.49
N VAL B 130 -18.67 9.69 -1.59
CA VAL B 130 -18.06 8.36 -1.57
C VAL B 130 -16.95 8.32 -2.58
N ARG B 131 -15.81 7.75 -2.17
CA ARG B 131 -14.66 7.61 -3.03
C ARG B 131 -14.15 6.17 -3.01
N GLU B 132 -14.40 5.43 -4.09
CA GLU B 132 -13.78 4.12 -4.31
C GLU B 132 -12.39 4.35 -4.90
N VAL B 133 -11.34 3.90 -4.21
CA VAL B 133 -9.99 4.24 -4.65
C VAL B 133 -9.04 3.05 -4.66
N SER B 134 -8.13 3.06 -5.63
CA SER B 134 -7.06 2.07 -5.72
CA SER B 134 -7.07 2.07 -5.69
C SER B 134 -5.74 2.70 -5.26
N ILE B 135 -5.02 2.01 -4.39
CA ILE B 135 -3.71 2.51 -3.98
C ILE B 135 -2.63 1.93 -4.89
N GLY B 136 -3.02 1.11 -5.84
CA GLY B 136 -2.05 0.61 -6.79
C GLY B 136 -2.55 -0.64 -7.46
N ASP B 137 -1.90 -0.99 -8.56
CA ASP B 137 -2.42 -2.05 -9.42
C ASP B 137 -1.90 -3.41 -9.00
N TYR B 138 -2.41 -3.88 -7.86
CA TYR B 138 -2.16 -5.22 -7.36
C TYR B 138 -3.40 -5.60 -6.59
N VAL B 139 -3.49 -6.85 -6.20
CA VAL B 139 -4.66 -7.35 -5.49
C VAL B 139 -4.28 -7.75 -4.08
N LEU B 140 -5.06 -7.31 -3.10
CA LEU B 140 -4.85 -7.73 -1.71
C LEU B 140 -6.00 -8.63 -1.27
N ASN B 141 -5.87 -9.30 -0.13
CA ASN B 141 -6.97 -10.09 0.40
C ASN B 141 -8.04 -9.19 0.99
N GLY B 142 -7.63 -8.04 1.50
CA GLY B 142 -8.56 -7.13 2.14
C GLY B 142 -8.09 -5.70 2.10
N GLY B 143 -8.99 -4.76 2.44
CA GLY B 143 -8.66 -3.36 2.43
C GLY B 143 -7.83 -2.84 3.59
N GLU B 144 -7.52 -3.70 4.56
CA GLU B 144 -6.86 -3.24 5.79
C GLU B 144 -5.50 -2.58 5.55
N ALA B 145 -4.63 -3.26 4.80
CA ALA B 145 -3.31 -2.71 4.52
C ALA B 145 -3.41 -1.42 3.72
N ALA B 146 -4.36 -1.39 2.80
CA ALA B 146 -4.60 -0.18 2.00
C ALA B 146 -5.09 0.97 2.88
N ALA B 147 -5.89 0.67 3.90
CA ALA B 147 -6.33 1.70 4.82
C ALA B 147 -5.13 2.30 5.56
N LEU B 148 -4.21 1.43 5.98
CA LEU B 148 -2.99 1.87 6.64
C LEU B 148 -2.20 2.81 5.74
N VAL B 149 -2.07 2.46 4.47
CA VAL B 149 -1.34 3.30 3.52
C VAL B 149 -2.00 4.68 3.36
N ILE B 150 -3.33 4.68 3.19
CA ILE B 150 -4.06 5.93 3.03
C ILE B 150 -3.93 6.83 4.27
N ILE B 151 -4.11 6.24 5.44
CA ILE B 151 -3.96 6.98 6.68
C ILE B 151 -2.57 7.63 6.78
N GLU B 152 -1.52 6.86 6.51
CA GLU B 152 -0.17 7.40 6.58
C GLU B 152 0.03 8.54 5.59
N ALA B 153 -0.42 8.33 4.35
CA ALA B 153 -0.19 9.34 3.33
C ALA B 153 -0.94 10.62 3.65
N VAL B 154 -2.11 10.48 4.25
CA VAL B 154 -2.92 11.65 4.54
C VAL B 154 -2.45 12.36 5.79
N LEU B 155 -2.20 11.58 6.84
CA LEU B 155 -1.92 12.21 8.13
C LEU B 155 -0.64 13.02 8.16
N ARG B 156 0.35 12.63 7.35
CA ARG B 156 1.59 13.39 7.37
C ARG B 156 1.42 14.74 6.66
N LEU B 157 0.27 14.97 6.05
CA LEU B 157 0.00 16.23 5.36
C LEU B 157 -0.88 17.15 6.20
N VAL B 158 -1.53 16.61 7.22
CA VAL B 158 -2.43 17.42 8.05
C VAL B 158 -1.68 18.56 8.71
N PRO B 159 -2.23 19.79 8.64
CA PRO B 159 -1.51 20.92 9.22
C PRO B 159 -1.17 20.66 10.69
N GLY B 160 0.09 20.89 11.05
CA GLY B 160 0.54 20.60 12.40
C GLY B 160 1.32 19.30 12.52
N VAL B 161 1.62 18.68 11.38
CA VAL B 161 2.42 17.44 11.38
C VAL B 161 3.69 17.58 10.54
N MET B 177 5.67 16.05 -2.86
CA MET B 177 6.75 15.99 -3.84
C MET B 177 6.35 15.14 -5.05
N ALA B 178 5.72 15.74 -6.06
CA ALA B 178 5.20 14.95 -7.17
C ALA B 178 5.30 15.62 -8.55
N SER B 179 5.63 14.77 -9.55
CA SER B 179 5.78 15.02 -11.00
C SER B 179 6.99 14.24 -11.49
N LEU B 180 7.91 13.96 -10.57
CA LEU B 180 9.18 13.31 -10.87
C LEU B 180 9.56 12.33 -9.77
N LEU B 181 10.56 11.50 -10.03
CA LEU B 181 11.13 10.66 -8.97
C LEU B 181 12.37 11.38 -8.38
N GLU B 182 12.57 11.29 -7.08
CA GLU B 182 13.75 11.89 -6.49
C GLU B 182 14.98 11.03 -6.79
N GLY B 183 16.11 11.67 -7.03
CA GLY B 183 17.36 10.96 -7.26
C GLY B 183 17.95 10.41 -5.97
N PRO B 184 19.17 9.87 -6.05
CA PRO B 184 19.76 9.20 -4.89
C PRO B 184 20.20 10.19 -3.82
N SER B 185 20.23 9.73 -2.57
CA SER B 185 20.68 10.54 -1.44
CA SER B 185 20.70 10.55 -1.47
C SER B 185 21.87 9.87 -0.75
N TYR B 186 22.72 10.67 -0.11
CA TYR B 186 23.92 10.15 0.57
C TYR B 186 24.15 10.84 1.92
N THR B 187 24.88 10.17 2.81
CA THR B 187 25.27 10.80 4.06
C THR B 187 26.61 10.19 4.48
N ARG B 188 27.10 10.56 5.65
CA ARG B 188 28.46 10.13 6.04
C ARG B 188 28.61 8.62 6.22
N PRO B 189 29.82 8.06 5.99
CA PRO B 189 31.08 8.72 5.58
C PRO B 189 31.16 9.04 4.10
N PRO B 190 32.07 9.93 3.69
CA PRO B 190 32.18 10.27 2.27
C PRO B 190 32.72 9.14 1.39
N SER B 191 33.34 8.14 2.01
CA SER B 191 33.74 6.92 1.31
C SER B 191 33.38 5.70 2.15
N TRP B 192 32.89 4.64 1.50
CA TRP B 192 32.42 3.47 2.23
C TRP B 192 32.49 2.23 1.35
N ARG B 193 33.25 1.24 1.82
CA ARG B 193 33.52 0.03 1.06
C ARG B 193 34.01 0.33 -0.35
N GLY B 194 34.80 1.38 -0.47
CA GLY B 194 35.35 1.75 -1.77
C GLY B 194 34.38 2.52 -2.65
N MET B 195 33.20 2.85 -2.12
CA MET B 195 32.22 3.62 -2.90
C MET B 195 32.14 5.06 -2.39
N ASP B 196 32.36 6.02 -3.29
CA ASP B 196 32.44 7.43 -2.90
C ASP B 196 31.14 8.19 -3.13
N VAL B 197 30.85 9.13 -2.24
CA VAL B 197 29.74 10.04 -2.50
C VAL B 197 30.11 10.90 -3.70
N PRO B 198 29.16 11.11 -4.64
CA PRO B 198 29.38 12.04 -5.76
C PRO B 198 30.08 13.31 -5.29
N PRO B 199 31.28 13.57 -5.84
CA PRO B 199 32.10 14.71 -5.41
C PRO B 199 31.34 16.04 -5.38
N VAL B 200 30.39 16.22 -6.29
CA VAL B 200 29.68 17.49 -6.37
C VAL B 200 28.89 17.75 -5.07
N LEU B 201 28.46 16.67 -4.41
CA LEU B 201 27.68 16.81 -3.19
C LEU B 201 28.58 17.23 -2.04
N LEU B 202 29.87 17.01 -2.21
CA LEU B 202 30.86 17.41 -1.21
C LEU B 202 31.42 18.80 -1.51
N SER B 203 30.98 19.43 -2.59
CA SER B 203 31.62 20.65 -3.09
C SER B 203 31.05 21.96 -2.52
N GLY B 204 29.98 21.88 -1.75
CA GLY B 204 29.34 23.08 -1.21
C GLY B 204 28.79 24.08 -2.22
N ASP B 205 28.87 23.76 -3.51
CA ASP B 205 28.33 24.62 -4.56
C ASP B 205 26.84 24.36 -4.79
N HIS B 206 26.00 25.19 -4.17
CA HIS B 206 24.55 24.98 -4.20
C HIS B 206 23.99 24.85 -5.60
N ALA B 207 24.49 25.69 -6.51
CA ALA B 207 23.98 25.72 -7.88
C ALA B 207 24.32 24.43 -8.62
N LYS B 208 25.54 23.94 -8.45
CA LYS B 208 25.96 22.72 -9.12
C LYS B 208 25.28 21.50 -8.48
N ILE B 209 25.02 21.57 -7.18
CA ILE B 209 24.30 20.51 -6.49
C ILE B 209 22.85 20.47 -6.96
N ALA B 210 22.23 21.63 -7.08
CA ALA B 210 20.85 21.70 -7.55
C ALA B 210 20.73 21.13 -8.96
N ALA B 211 21.69 21.48 -9.80
CA ALA B 211 21.70 21.04 -11.19
C ALA B 211 21.89 19.53 -11.28
N TRP B 212 22.85 19.01 -10.51
CA TRP B 212 23.14 17.59 -10.54
C TRP B 212 21.94 16.79 -10.05
N ARG B 213 21.31 17.26 -8.97
CA ARG B 213 20.15 16.57 -8.44
C ARG B 213 18.99 16.60 -9.42
N ALA B 214 18.76 17.75 -10.05
CA ALA B 214 17.70 17.87 -11.02
C ALA B 214 17.94 16.86 -12.14
N GLU B 215 19.19 16.77 -12.59
CA GLU B 215 19.55 15.81 -13.62
C GLU B 215 19.36 14.35 -13.16
N GLN B 216 19.87 13.99 -11.98
CA GLN B 216 19.69 12.62 -11.49
C GLN B 216 18.20 12.27 -11.43
N SER B 217 17.39 13.21 -10.94
CA SER B 217 15.95 13.03 -10.84
CA SER B 217 15.95 12.98 -10.83
C SER B 217 15.34 12.72 -12.20
N ARG B 218 15.68 13.52 -13.19
CA ARG B 218 15.10 13.33 -14.50
C ARG B 218 15.60 12.02 -15.10
N GLN B 219 16.88 11.72 -14.92
CA GLN B 219 17.46 10.49 -15.44
C GLN B 219 16.82 9.24 -14.81
N ARG B 220 16.52 9.31 -13.53
CA ARG B 220 15.88 8.19 -12.83
C ARG B 220 14.43 8.05 -13.25
N THR B 221 13.77 9.18 -13.47
CA THR B 221 12.36 9.17 -13.87
C THR B 221 12.21 8.58 -15.26
N ILE B 222 13.13 8.89 -16.16
CA ILE B 222 13.00 8.36 -17.52
C ILE B 222 13.29 6.85 -17.50
N GLU B 223 14.19 6.42 -16.62
CA GLU B 223 14.52 5.01 -16.52
C GLU B 223 13.41 4.18 -15.87
N ARG B 224 12.85 4.67 -14.77
CA ARG B 224 11.90 3.89 -13.98
C ARG B 224 10.43 4.20 -14.25
N ARG B 225 10.12 5.45 -14.59
CA ARG B 225 8.74 5.87 -14.80
C ARG B 225 8.60 6.78 -16.03
N PRO B 226 8.90 6.25 -17.22
CA PRO B 226 8.86 7.08 -18.44
C PRO B 226 7.49 7.72 -18.64
N ASP B 227 6.45 7.09 -18.11
CA ASP B 227 5.10 7.63 -18.20
C ASP B 227 4.97 9.01 -17.56
N LEU B 228 5.76 9.29 -16.52
CA LEU B 228 5.63 10.56 -15.83
C LEU B 228 6.08 11.73 -16.69
N LEU B 229 6.94 11.44 -17.67
CA LEU B 229 7.47 12.43 -18.59
C LEU B 229 6.82 12.29 -19.96
N GLY B 230 5.74 11.52 -20.00
CA GLY B 230 4.93 11.39 -21.20
C GLY B 230 5.58 10.52 -22.26
N PHE B 231 6.14 9.39 -21.84
CA PHE B 231 6.69 8.42 -22.80
C PHE B 231 6.01 7.08 -22.61
N ASP B 232 6.16 6.19 -23.58
CA ASP B 232 5.55 4.88 -23.54
C ASP B 232 6.16 4.08 -22.40
N SER B 233 5.32 3.37 -21.65
CA SER B 233 5.78 2.46 -20.61
C SER B 233 6.37 1.20 -21.23
N PRO B 234 7.41 0.63 -20.59
CA PRO B 234 8.15 -0.48 -21.18
C PRO B 234 7.35 -1.79 -21.21
#